data_1DT9
#
_entry.id   1DT9
#
_cell.length_a   77.080
_cell.length_b   77.080
_cell.length_c   194.440
_cell.angle_alpha   90.00
_cell.angle_beta   90.00
_cell.angle_gamma   90.00
#
_symmetry.space_group_name_H-M   'P 43 21 2'
#
loop_
_entity.id
_entity.type
_entity.pdbx_description
1 polymer 'PROTEIN (EUKARYOTIC PEPTIDE CHAIN RELEASE FACTOR SUBUNIT 1)'
2 water water
#
_entity_poly.entity_id   1
_entity_poly.type   'polypeptide(L)'
_entity_poly.pdbx_seq_one_letter_code
;MADDPSAADRNVEIWKIKKLIKSLEAARGNGTSMISLIIPPKDQISRVAKMLADEFGTASNIKSRVNRLSVLGAITSVQQ
RLKLYNKVPPNGLVVYCGTIVTEEGKEKKVNIDFEPFKPINTSLYLCDNKFHTEALTALLSDDSKFGFIVIDGSGALFGT
LQGNTREVLHKFTVDLPKKHGRGGQSALRFARLRMEKRHNYVRKVAETAVQLFISGDKVNVAGLVLAGSADFKTELSQSD
MFDQRLQSKVLKLVDISYGGENGFNQAIELSTEVLSNVKFIQEKKLIGRYFDEISQDTGKYCFGVEDTLKALEMGAVEIL
IVYENLDIMRYVLHCQGTEEEKILYLTPEQEKDKSHFTDKETGQEHELIESMPLLEWFANNYKKFGATLEIVTDKSQEGS
QFVKGFGGIGGILRYRVDFQGMEYQGGDDEFFDLDDY
;
_entity_poly.pdbx_strand_id   A
#
# COMPACT_ATOMS: atom_id res chain seq x y z
N PRO A 5 -1.98 -10.72 5.04
CA PRO A 5 -0.86 -9.70 4.97
C PRO A 5 -0.02 -9.81 3.65
N SER A 6 0.77 -8.78 3.31
CA SER A 6 1.66 -8.73 2.11
C SER A 6 1.77 -7.43 1.32
N ALA A 7 2.84 -6.66 1.56
CA ALA A 7 3.05 -5.41 0.85
C ALA A 7 3.13 -5.76 -0.63
N ALA A 8 3.30 -4.77 -1.49
CA ALA A 8 3.38 -5.00 -2.93
C ALA A 8 2.04 -5.55 -3.42
N ASP A 9 1.47 -6.46 -2.65
CA ASP A 9 0.16 -7.02 -2.96
C ASP A 9 -0.79 -5.99 -2.38
N ARG A 10 -0.36 -5.36 -1.29
CA ARG A 10 -1.17 -4.33 -0.68
C ARG A 10 -1.26 -3.08 -1.57
N ASN A 11 -0.20 -2.83 -2.32
CA ASN A 11 -0.15 -1.65 -3.17
C ASN A 11 -0.85 -1.83 -4.47
N VAL A 12 -1.20 -3.07 -4.81
CA VAL A 12 -1.95 -3.29 -6.04
C VAL A 12 -3.37 -2.82 -5.65
N GLU A 13 -3.78 -3.24 -4.46
CA GLU A 13 -5.07 -2.90 -3.95
C GLU A 13 -5.33 -1.39 -3.92
N ILE A 14 -4.33 -0.61 -3.50
CA ILE A 14 -4.47 0.85 -3.48
C ILE A 14 -4.71 1.35 -4.90
N TRP A 15 -3.95 0.80 -5.85
CA TRP A 15 -4.03 1.18 -7.28
C TRP A 15 -5.45 1.14 -7.83
N LYS A 16 -6.11 0.02 -7.49
CA LYS A 16 -7.46 -0.26 -7.91
C LYS A 16 -8.41 0.75 -7.30
N ILE A 17 -8.21 1.07 -6.03
CA ILE A 17 -9.05 2.05 -5.37
C ILE A 17 -9.02 3.39 -6.13
N LYS A 18 -7.82 3.88 -6.34
CA LYS A 18 -7.61 5.15 -7.05
C LYS A 18 -8.25 5.07 -8.43
N LYS A 19 -8.08 3.93 -9.10
CA LYS A 19 -8.67 3.74 -10.42
C LYS A 19 -10.21 3.84 -10.30
N LEU A 20 -10.80 3.14 -9.31
CA LEU A 20 -12.22 3.20 -9.05
C LEU A 20 -12.68 4.59 -8.65
N ILE A 21 -11.97 5.21 -7.70
CA ILE A 21 -12.34 6.56 -7.29
C ILE A 21 -12.41 7.53 -8.47
N LYS A 22 -11.52 7.31 -9.44
CA LYS A 22 -11.46 8.11 -10.67
C LYS A 22 -12.70 7.95 -11.51
N SER A 23 -13.03 6.73 -11.93
CA SER A 23 -14.25 6.58 -12.72
C SER A 23 -15.51 7.00 -11.93
N LEU A 24 -15.56 6.68 -10.62
CA LEU A 24 -16.73 7.06 -9.81
C LEU A 24 -17.05 8.54 -9.82
N GLU A 25 -16.03 9.37 -9.69
CA GLU A 25 -16.23 10.81 -9.66
C GLU A 25 -16.48 11.44 -11.02
N ALA A 26 -16.13 10.69 -12.07
CA ALA A 26 -16.35 11.13 -13.45
C ALA A 26 -17.83 11.00 -13.84
N ALA A 27 -18.65 10.37 -13.00
CA ALA A 27 -20.06 10.19 -13.31
C ALA A 27 -20.99 11.18 -12.65
N ARG A 28 -22.16 11.33 -13.28
CA ARG A 28 -23.26 12.20 -12.81
C ARG A 28 -24.49 12.11 -13.76
N GLY A 29 -25.46 11.27 -13.39
CA GLY A 29 -26.66 11.03 -14.19
C GLY A 29 -27.80 12.04 -14.27
N ASN A 30 -28.96 11.66 -13.74
CA ASN A 30 -30.15 12.52 -13.73
C ASN A 30 -31.02 12.28 -12.50
N GLY A 31 -30.72 13.00 -11.42
CA GLY A 31 -31.48 12.93 -10.18
C GLY A 31 -31.38 11.69 -9.32
N THR A 32 -31.76 11.87 -8.05
CA THR A 32 -31.81 10.82 -7.00
C THR A 32 -31.78 9.42 -7.59
N SER A 33 -30.64 9.01 -8.12
CA SER A 33 -30.55 7.70 -8.76
C SER A 33 -29.16 7.20 -8.54
N MET A 34 -28.48 7.88 -7.62
CA MET A 34 -27.12 7.53 -7.33
C MET A 34 -27.01 7.01 -5.89
N ILE A 35 -26.73 5.72 -5.74
CA ILE A 35 -26.61 5.20 -4.38
C ILE A 35 -25.19 4.87 -3.94
N SER A 36 -24.81 5.46 -2.82
CA SER A 36 -23.52 5.25 -2.19
C SER A 36 -23.78 4.51 -0.84
N LEU A 37 -23.44 3.24 -0.80
CA LEU A 37 -23.67 2.53 0.41
C LEU A 37 -22.40 2.06 1.03
N ILE A 38 -22.05 2.63 2.16
CA ILE A 38 -20.86 2.13 2.86
C ILE A 38 -21.31 1.52 4.19
N ILE A 39 -20.89 0.28 4.46
CA ILE A 39 -21.30 -0.32 5.69
C ILE A 39 -20.12 -0.71 6.55
N PRO A 40 -19.97 -0.03 7.70
CA PRO A 40 -18.89 -0.32 8.63
C PRO A 40 -18.87 -1.80 9.12
N PRO A 41 -17.69 -2.27 9.56
CA PRO A 41 -17.51 -3.63 10.06
C PRO A 41 -18.22 -3.87 11.38
N LYS A 42 -18.81 -5.07 11.46
CA LYS A 42 -19.56 -5.54 12.62
C LYS A 42 -21.00 -5.05 12.61
N ASP A 43 -21.23 -3.87 12.04
CA ASP A 43 -22.59 -3.34 11.93
C ASP A 43 -23.40 -4.44 11.22
N GLN A 44 -24.72 -4.42 11.33
CA GLN A 44 -25.47 -5.51 10.72
C GLN A 44 -26.23 -5.29 9.40
N ILE A 45 -26.05 -6.26 8.50
CA ILE A 45 -26.64 -6.20 7.19
C ILE A 45 -28.15 -6.00 7.11
N SER A 46 -28.88 -6.80 7.89
CA SER A 46 -30.35 -6.76 7.93
C SER A 46 -30.85 -5.40 8.36
N ARG A 47 -30.03 -4.71 9.14
CA ARG A 47 -30.37 -3.36 9.56
C ARG A 47 -30.51 -2.57 8.26
N VAL A 48 -29.50 -2.77 7.40
CA VAL A 48 -29.44 -2.13 6.10
C VAL A 48 -30.58 -2.65 5.21
N ALA A 49 -30.71 -3.95 5.08
CA ALA A 49 -31.75 -4.49 4.22
C ALA A 49 -33.16 -3.90 4.48
N LYS A 50 -33.40 -3.56 5.73
CA LYS A 50 -34.72 -3.06 6.15
C LYS A 50 -34.91 -1.61 5.74
N MET A 51 -33.88 -0.82 6.01
CA MET A 51 -33.80 0.58 5.66
C MET A 51 -34.06 0.67 4.10
N LEU A 52 -33.42 -0.23 3.34
CA LEU A 52 -33.59 -0.34 1.88
C LEU A 52 -35.07 -0.55 1.55
N ALA A 53 -35.59 -1.61 2.15
CA ALA A 53 -36.99 -2.04 2.03
C ALA A 53 -37.94 -0.89 2.37
N ASP A 54 -37.55 -0.12 3.37
CA ASP A 54 -38.31 1.01 3.83
C ASP A 54 -38.33 2.06 2.77
N GLU A 55 -37.11 2.46 2.38
CA GLU A 55 -36.85 3.44 1.35
C GLU A 55 -37.63 3.03 0.11
N PHE A 56 -37.55 1.75 -0.32
CA PHE A 56 -38.30 1.28 -1.48
C PHE A 56 -39.82 1.51 -1.34
N GLY A 57 -40.36 1.09 -0.19
CA GLY A 57 -41.77 1.28 0.07
C GLY A 57 -42.17 2.74 -0.07
N THR A 58 -41.36 3.65 0.49
CA THR A 58 -41.67 5.07 0.43
C THR A 58 -41.58 5.61 -1.00
N ALA A 59 -40.61 5.10 -1.76
CA ALA A 59 -40.44 5.51 -3.15
C ALA A 59 -41.60 5.00 -3.98
N SER A 60 -42.14 3.84 -3.63
CA SER A 60 -43.26 3.26 -4.36
C SER A 60 -44.42 4.23 -4.54
N ASN A 61 -44.52 5.18 -3.64
CA ASN A 61 -45.59 6.17 -3.66
C ASN A 61 -45.34 7.34 -4.61
N ILE A 62 -44.07 7.70 -4.80
CA ILE A 62 -43.66 8.81 -5.65
C ILE A 62 -44.58 9.11 -6.79
N LYS A 63 -44.94 8.10 -7.58
CA LYS A 63 -45.89 8.31 -8.69
C LYS A 63 -45.55 9.45 -9.67
N SER A 64 -44.51 9.24 -10.48
CA SER A 64 -44.07 10.18 -11.50
C SER A 64 -43.20 9.32 -12.36
N ARG A 65 -43.77 8.16 -12.68
CA ARG A 65 -43.16 7.11 -13.47
C ARG A 65 -41.67 7.25 -13.61
N VAL A 66 -41.26 8.26 -14.37
CA VAL A 66 -39.85 8.48 -14.58
C VAL A 66 -39.10 8.57 -13.23
N ASN A 67 -39.53 9.50 -12.37
CA ASN A 67 -38.88 9.66 -11.08
C ASN A 67 -39.12 8.42 -10.19
N ARG A 68 -40.31 7.84 -10.24
CA ARG A 68 -40.52 6.63 -9.47
C ARG A 68 -39.57 5.49 -10.03
N LEU A 69 -39.70 5.11 -11.30
CA LEU A 69 -38.83 4.05 -11.79
C LEU A 69 -37.35 4.33 -11.50
N SER A 70 -36.98 5.59 -11.41
CA SER A 70 -35.57 5.89 -11.19
C SER A 70 -35.11 5.43 -9.82
N VAL A 71 -35.82 5.89 -8.79
CA VAL A 71 -35.49 5.56 -7.44
C VAL A 71 -35.66 4.08 -7.16
N LEU A 72 -36.75 3.48 -7.68
CA LEU A 72 -36.99 2.06 -7.45
C LEU A 72 -35.83 1.24 -7.92
N GLY A 73 -35.43 1.44 -9.18
CA GLY A 73 -34.32 0.70 -9.78
C GLY A 73 -32.99 0.76 -9.04
N ALA A 74 -32.71 1.95 -8.54
CA ALA A 74 -31.48 2.13 -7.80
C ALA A 74 -31.54 1.16 -6.60
N ILE A 75 -32.56 1.38 -5.74
CA ILE A 75 -32.74 0.57 -4.53
C ILE A 75 -32.78 -0.89 -4.85
N THR A 76 -33.50 -1.24 -5.90
CA THR A 76 -33.54 -2.63 -6.24
C THR A 76 -32.12 -3.10 -6.41
N SER A 77 -31.43 -2.36 -7.30
CA SER A 77 -30.03 -2.61 -7.69
C SER A 77 -29.10 -2.94 -6.52
N VAL A 78 -29.04 -2.06 -5.54
CA VAL A 78 -28.21 -2.30 -4.36
C VAL A 78 -28.72 -3.50 -3.49
N GLN A 79 -30.04 -3.70 -3.36
CA GLN A 79 -30.57 -4.83 -2.60
C GLN A 79 -30.05 -6.10 -3.22
N GLN A 80 -30.10 -6.11 -4.55
CA GLN A 80 -29.65 -7.28 -5.27
C GLN A 80 -28.19 -7.61 -5.07
N ARG A 81 -27.37 -6.62 -4.72
CA ARG A 81 -25.96 -6.88 -4.49
C ARG A 81 -25.79 -7.38 -3.06
N LEU A 82 -26.42 -6.65 -2.16
CA LEU A 82 -26.43 -6.91 -0.75
C LEU A 82 -26.76 -8.36 -0.40
N LYS A 83 -27.69 -8.96 -1.17
CA LYS A 83 -28.12 -10.34 -0.93
C LYS A 83 -27.01 -11.35 -1.12
N LEU A 84 -25.96 -10.93 -1.81
CA LEU A 84 -24.81 -11.81 -2.05
C LEU A 84 -23.97 -11.96 -0.78
N TYR A 85 -23.94 -10.91 0.03
CA TYR A 85 -23.18 -10.97 1.23
C TYR A 85 -24.08 -11.50 2.35
N ASN A 86 -23.53 -12.46 3.09
CA ASN A 86 -24.17 -13.17 4.24
C ASN A 86 -23.98 -12.38 5.55
N LYS A 87 -23.03 -11.45 5.52
CA LYS A 87 -22.74 -10.54 6.63
C LYS A 87 -21.50 -9.71 6.36
N VAL A 88 -21.48 -8.52 6.92
CA VAL A 88 -20.34 -7.66 6.70
C VAL A 88 -19.03 -8.38 6.88
N PRO A 89 -18.19 -8.34 5.86
CA PRO A 89 -16.90 -9.03 6.07
C PRO A 89 -16.04 -8.10 6.93
N PRO A 90 -14.78 -8.50 7.21
CA PRO A 90 -13.99 -7.57 8.01
C PRO A 90 -13.65 -6.36 7.15
N ASN A 91 -13.27 -5.25 7.77
CA ASN A 91 -12.96 -4.03 7.01
C ASN A 91 -14.26 -3.41 6.54
N GLY A 92 -15.30 -4.23 6.32
CA GLY A 92 -16.60 -3.70 5.92
C GLY A 92 -17.18 -4.03 4.56
N LEU A 93 -17.99 -3.10 4.04
CA LEU A 93 -18.61 -3.21 2.72
C LEU A 93 -18.92 -1.87 1.98
N VAL A 94 -18.39 -1.72 0.77
CA VAL A 94 -18.65 -0.53 -0.02
C VAL A 94 -19.52 -1.01 -1.18
N VAL A 95 -20.46 -0.14 -1.54
CA VAL A 95 -21.42 -0.43 -2.59
C VAL A 95 -21.84 0.81 -3.37
N TYR A 96 -21.77 0.71 -4.68
CA TYR A 96 -22.15 1.84 -5.55
C TYR A 96 -23.07 1.30 -6.59
N CYS A 97 -24.24 1.92 -6.68
CA CYS A 97 -25.23 1.52 -7.67
C CYS A 97 -25.94 2.70 -8.26
N GLY A 98 -26.34 2.54 -9.48
CA GLY A 98 -27.04 3.64 -10.10
C GLY A 98 -26.95 3.74 -11.62
N THR A 99 -27.78 4.62 -12.15
CA THR A 99 -27.84 4.85 -13.57
C THR A 99 -27.25 6.18 -13.93
N ILE A 100 -26.34 6.12 -14.88
CA ILE A 100 -25.66 7.32 -15.37
C ILE A 100 -25.72 7.51 -16.90
N VAL A 101 -25.51 8.74 -17.34
CA VAL A 101 -25.50 9.04 -18.78
C VAL A 101 -24.08 8.82 -19.27
N THR A 102 -23.90 7.93 -20.24
CA THR A 102 -22.56 7.72 -20.77
C THR A 102 -22.36 8.34 -22.17
N GLU A 103 -21.32 7.92 -22.86
CA GLU A 103 -21.06 8.43 -24.18
C GLU A 103 -22.33 8.17 -25.02
N GLU A 104 -22.48 8.97 -26.08
CA GLU A 104 -23.62 8.90 -27.00
C GLU A 104 -24.94 9.26 -26.34
N GLY A 105 -24.86 9.77 -25.11
CA GLY A 105 -26.04 10.08 -24.33
C GLY A 105 -26.86 8.83 -23.93
N LYS A 106 -26.24 7.64 -23.99
CA LYS A 106 -26.88 6.39 -23.62
C LYS A 106 -26.85 6.20 -22.09
N GLU A 107 -27.58 5.21 -21.60
CA GLU A 107 -27.59 4.96 -20.16
C GLU A 107 -26.64 3.85 -19.81
N LYS A 108 -25.90 4.02 -18.73
CA LYS A 108 -25.04 2.97 -18.29
C LYS A 108 -25.45 2.69 -16.83
N LYS A 109 -25.44 1.43 -16.45
CA LYS A 109 -25.82 1.07 -15.09
C LYS A 109 -24.65 0.54 -14.29
N VAL A 110 -24.29 1.28 -13.25
CA VAL A 110 -23.17 0.89 -12.39
C VAL A 110 -23.60 0.04 -11.16
N ASN A 111 -22.86 -1.07 -11.02
CA ASN A 111 -23.01 -2.10 -9.98
C ASN A 111 -21.71 -2.54 -9.26
N ILE A 112 -21.32 -1.77 -8.23
CA ILE A 112 -20.12 -2.11 -7.50
C ILE A 112 -20.36 -2.43 -6.03
N ASP A 113 -19.83 -3.57 -5.60
CA ASP A 113 -19.91 -4.06 -4.23
C ASP A 113 -18.58 -4.72 -3.97
N PHE A 114 -18.04 -4.54 -2.78
CA PHE A 114 -16.71 -5.10 -2.47
C PHE A 114 -16.19 -4.67 -1.08
N GLU A 115 -15.26 -5.49 -0.55
CA GLU A 115 -14.61 -5.27 0.73
C GLU A 115 -13.23 -4.66 0.50
N PRO A 116 -12.94 -3.55 1.19
CA PRO A 116 -11.72 -2.74 1.19
C PRO A 116 -10.69 -3.23 2.23
N PHE A 117 -10.10 -2.27 2.96
CA PHE A 117 -9.20 -2.54 4.11
C PHE A 117 -9.29 -1.43 5.21
N LYS A 118 -10.54 -1.35 5.75
CA LYS A 118 -10.96 -0.53 6.89
C LYS A 118 -11.74 0.80 6.96
N PRO A 119 -13.03 0.85 6.53
CA PRO A 119 -13.70 2.15 6.66
C PRO A 119 -14.72 1.99 7.78
N ILE A 120 -14.26 2.12 9.02
CA ILE A 120 -15.14 1.93 10.17
C ILE A 120 -16.12 3.06 10.37
N ASN A 121 -17.20 2.75 11.10
CA ASN A 121 -18.29 3.68 11.45
C ASN A 121 -18.57 4.82 10.44
N THR A 122 -18.16 4.62 9.18
CA THR A 122 -18.44 5.64 8.19
C THR A 122 -19.92 5.47 7.86
N SER A 123 -20.41 4.25 8.02
CA SER A 123 -21.80 3.95 7.75
C SER A 123 -22.40 5.02 6.87
N LEU A 124 -22.42 4.79 5.56
CA LEU A 124 -22.95 5.77 4.63
C LEU A 124 -24.08 5.29 3.78
N TYR A 125 -25.08 6.17 3.69
CA TYR A 125 -26.25 5.94 2.86
C TYR A 125 -26.77 7.24 2.23
N LEU A 126 -26.30 7.50 1.02
CA LEU A 126 -26.74 8.68 0.31
C LEU A 126 -27.26 8.35 -1.08
N CYS A 127 -28.27 9.11 -1.44
CA CYS A 127 -28.93 9.04 -2.73
C CYS A 127 -28.79 10.50 -3.20
N ASP A 128 -28.04 10.70 -4.30
CA ASP A 128 -27.74 12.03 -4.84
C ASP A 128 -27.56 11.91 -6.35
N ASN A 129 -27.10 12.99 -7.00
CA ASN A 129 -26.85 13.00 -8.47
C ASN A 129 -25.45 12.39 -8.71
N LYS A 130 -24.60 12.45 -7.67
CA LYS A 130 -23.22 11.94 -7.68
C LYS A 130 -22.85 10.91 -6.65
N PHE A 131 -21.87 10.09 -7.00
CA PHE A 131 -21.38 9.08 -6.09
C PHE A 131 -20.53 9.76 -5.02
N HIS A 132 -20.55 9.27 -3.78
CA HIS A 132 -19.75 9.92 -2.74
C HIS A 132 -18.58 9.07 -2.33
N THR A 133 -17.39 9.52 -2.75
CA THR A 133 -16.10 8.82 -2.56
C THR A 133 -15.11 9.28 -1.47
N GLU A 134 -15.44 10.35 -0.75
CA GLU A 134 -14.58 10.88 0.31
C GLU A 134 -14.17 9.75 1.24
N ALA A 135 -15.01 8.72 1.30
CA ALA A 135 -14.70 7.61 2.16
C ALA A 135 -13.58 6.81 1.57
N LEU A 136 -13.57 6.71 0.24
CA LEU A 136 -12.53 5.93 -0.42
C LEU A 136 -11.22 6.67 -0.41
N THR A 137 -11.19 7.91 -0.90
CA THR A 137 -9.92 8.69 -0.92
C THR A 137 -9.22 8.75 0.45
N ALA A 138 -9.98 8.56 1.53
CA ALA A 138 -9.42 8.57 2.88
C ALA A 138 -8.55 7.35 3.05
N LEU A 139 -8.96 6.20 2.51
CA LEU A 139 -8.13 5.02 2.62
C LEU A 139 -6.79 5.41 2.05
N LEU A 140 -6.79 6.44 1.21
CA LEU A 140 -5.57 6.96 0.59
C LEU A 140 -4.92 8.02 1.53
N SER A 141 -4.61 7.58 2.76
CA SER A 141 -4.00 8.38 3.84
C SER A 141 -2.96 7.43 4.41
N ASP A 142 -2.42 6.58 3.54
CA ASP A 142 -1.44 5.59 3.94
C ASP A 142 -0.02 6.14 3.97
N ASP A 143 0.30 6.84 5.05
CA ASP A 143 1.63 7.40 5.24
C ASP A 143 2.42 6.37 6.05
N SER A 144 3.57 5.93 5.52
CA SER A 144 4.39 4.97 6.24
C SER A 144 4.89 5.65 7.52
N LYS A 145 4.81 4.92 8.64
CA LYS A 145 5.28 5.44 9.90
C LYS A 145 6.67 4.83 10.17
N PHE A 146 7.59 5.63 10.71
CA PHE A 146 8.90 5.11 11.01
C PHE A 146 9.25 5.18 12.48
N GLY A 147 10.11 4.24 12.90
CA GLY A 147 10.57 4.19 14.28
C GLY A 147 11.97 4.79 14.62
N PHE A 148 11.99 5.75 15.53
CA PHE A 148 13.27 6.33 15.93
C PHE A 148 13.75 6.05 17.39
N ILE A 149 14.99 5.57 17.49
CA ILE A 149 15.67 5.32 18.76
C ILE A 149 16.97 6.11 18.69
N VAL A 150 17.08 7.14 19.53
CA VAL A 150 18.27 7.97 19.56
C VAL A 150 19.02 7.86 20.88
N ILE A 151 20.07 7.04 20.89
CA ILE A 151 20.91 6.79 22.06
C ILE A 151 21.83 7.96 22.29
N ASP A 152 22.56 7.90 23.40
CA ASP A 152 23.45 8.98 23.79
C ASP A 152 24.25 8.54 25.02
N GLY A 153 25.12 9.40 25.51
CA GLY A 153 25.89 9.04 26.68
C GLY A 153 25.18 9.52 27.94
N SER A 154 24.32 10.52 27.77
CA SER A 154 23.58 11.09 28.89
C SER A 154 22.07 10.81 28.92
N GLY A 155 21.58 9.98 27.99
CA GLY A 155 20.17 9.66 27.94
C GLY A 155 19.66 9.23 26.58
N ALA A 156 18.65 8.36 26.59
CA ALA A 156 18.05 7.84 25.36
C ALA A 156 16.74 8.55 24.98
N LEU A 157 16.19 8.17 23.84
CA LEU A 157 14.93 8.74 23.33
C LEU A 157 14.30 7.88 22.23
N PHE A 158 12.96 7.84 22.24
CA PHE A 158 12.20 7.06 21.27
C PHE A 158 11.00 7.84 20.76
N GLY A 159 10.88 7.92 19.44
CA GLY A 159 9.79 8.67 18.83
C GLY A 159 9.49 8.21 17.40
N THR A 160 8.59 8.94 16.74
CA THR A 160 8.26 8.57 15.39
C THR A 160 8.10 9.73 14.46
N LEU A 161 8.43 9.40 13.23
CA LEU A 161 8.35 10.31 12.13
C LEU A 161 7.39 9.57 11.25
N GLN A 162 6.40 10.30 10.73
CA GLN A 162 5.40 9.75 9.85
C GLN A 162 4.96 10.94 9.05
N GLY A 163 5.29 10.95 7.76
CA GLY A 163 4.92 12.09 6.94
C GLY A 163 5.69 13.25 7.54
N ASN A 164 5.00 14.30 7.93
CA ASN A 164 5.66 15.45 8.55
C ASN A 164 5.24 15.49 10.02
N THR A 165 4.58 14.41 10.44
CA THR A 165 4.09 14.27 11.81
C THR A 165 5.10 13.66 12.77
N ARG A 166 5.76 14.58 13.47
CA ARG A 166 6.80 14.34 14.48
C ARG A 166 6.18 13.90 15.81
N GLU A 167 6.72 12.87 16.45
CA GLU A 167 6.16 12.46 17.74
C GLU A 167 7.19 11.85 18.70
N VAL A 168 7.38 12.56 19.80
CA VAL A 168 8.29 12.17 20.87
C VAL A 168 7.48 11.27 21.76
N LEU A 169 7.89 10.01 21.87
CA LEU A 169 7.15 9.10 22.71
C LEU A 169 7.68 9.15 24.13
N HIS A 170 8.67 8.30 24.42
CA HIS A 170 9.26 8.22 25.75
C HIS A 170 10.72 8.64 25.79
N LYS A 171 11.17 9.11 26.95
CA LYS A 171 12.56 9.52 27.12
C LYS A 171 13.11 9.42 28.55
N PHE A 172 13.92 8.39 28.80
CA PHE A 172 14.54 8.23 30.11
C PHE A 172 15.98 8.75 30.07
N THR A 173 16.78 8.29 31.03
CA THR A 173 18.17 8.71 31.09
C THR A 173 19.04 7.87 32.02
N VAL A 174 20.35 8.00 31.83
CA VAL A 174 21.32 7.30 32.63
C VAL A 174 22.43 8.29 32.91
N ASP A 175 23.22 7.99 33.92
CA ASP A 175 24.34 8.81 34.33
C ASP A 175 25.43 7.81 34.62
N LEU A 176 26.02 7.27 33.55
CA LEU A 176 27.07 6.27 33.63
C LEU A 176 28.22 6.64 34.58
N PRO A 177 29.12 5.68 34.88
CA PRO A 177 30.27 5.91 35.79
C PRO A 177 31.25 6.93 35.21
N LYS A 178 30.96 8.21 35.42
CA LYS A 178 31.78 9.29 34.89
C LYS A 178 33.05 9.61 35.71
N LYS A 179 32.87 10.17 36.91
CA LYS A 179 33.98 10.58 37.78
C LYS A 179 35.20 9.66 37.86
N HIS A 180 36.36 10.23 38.19
CA HIS A 180 37.62 9.47 38.30
C HIS A 180 38.22 9.51 39.71
N GLY A 181 38.15 10.69 40.33
CA GLY A 181 38.71 10.88 41.67
C GLY A 181 40.22 11.11 41.62
N ARG A 182 40.83 11.50 42.72
CA ARG A 182 42.27 11.74 42.78
C ARG A 182 43.03 10.57 43.38
N GLY A 183 43.24 9.54 42.59
CA GLY A 183 43.94 8.37 43.07
C GLY A 183 43.03 7.49 43.90
N GLY A 184 41.88 8.03 44.31
CA GLY A 184 40.95 7.28 45.14
C GLY A 184 40.25 6.10 44.52
N GLN A 185 41.01 5.12 43.99
CA GLN A 185 40.49 3.89 43.34
C GLN A 185 41.30 3.49 42.10
N SER A 186 41.22 2.20 41.76
CA SER A 186 41.94 1.62 40.63
C SER A 186 41.38 1.95 39.27
N ALA A 187 42.24 1.85 38.27
CA ALA A 187 41.86 2.11 36.89
C ALA A 187 40.92 0.97 36.51
N LEU A 188 41.43 -0.26 36.45
CA LEU A 188 40.60 -1.41 36.10
C LEU A 188 39.25 -1.34 36.80
N ARG A 189 39.31 -1.22 38.12
CA ARG A 189 38.12 -1.15 38.94
C ARG A 189 37.07 -0.16 38.37
N PHE A 190 37.54 0.80 37.57
CA PHE A 190 36.71 1.85 36.93
C PHE A 190 36.17 1.44 35.55
N ALA A 191 37.18 0.96 34.80
CA ALA A 191 36.80 0.52 33.46
C ALA A 191 35.80 -0.61 33.63
N ARG A 192 36.06 -1.44 34.64
CA ARG A 192 35.20 -2.57 34.98
C ARG A 192 33.76 -2.06 35.09
N LEU A 193 33.50 -1.32 36.16
CA LEU A 193 32.21 -0.73 36.42
C LEU A 193 31.74 -0.01 35.15
N ARG A 194 32.69 0.35 34.30
CA ARG A 194 32.35 1.05 33.07
C ARG A 194 31.68 0.14 32.05
N MET A 195 32.37 -0.86 31.53
CA MET A 195 31.76 -1.78 30.56
C MET A 195 30.81 -2.72 31.31
N GLU A 196 30.02 -2.12 32.20
CA GLU A 196 29.06 -2.81 33.04
C GLU A 196 27.76 -2.02 33.03
N LYS A 197 27.85 -0.72 33.25
CA LYS A 197 26.68 0.13 33.25
C LYS A 197 26.24 0.41 31.84
N ARG A 198 27.16 0.26 30.89
CA ARG A 198 26.83 0.49 29.49
C ARG A 198 25.83 -0.63 29.17
N HIS A 199 26.33 -1.85 29.29
CA HIS A 199 25.56 -3.08 29.10
C HIS A 199 24.17 -2.96 29.77
N ASN A 200 24.11 -2.18 30.84
CA ASN A 200 22.88 -1.96 31.60
C ASN A 200 22.17 -0.72 31.07
N TYR A 201 22.52 -0.38 29.84
CA TYR A 201 21.96 0.75 29.09
C TYR A 201 21.68 0.11 27.75
N VAL A 202 22.69 -0.60 27.23
CA VAL A 202 22.57 -1.31 25.97
C VAL A 202 21.35 -2.22 26.09
N ARG A 203 20.86 -2.37 27.32
CA ARG A 203 19.69 -3.19 27.62
C ARG A 203 18.45 -2.32 27.83
N LYS A 204 18.36 -1.68 29.00
CA LYS A 204 17.22 -0.84 29.36
C LYS A 204 16.69 -0.09 28.15
N VAL A 205 17.60 0.30 27.26
CA VAL A 205 17.20 1.00 26.05
C VAL A 205 16.62 -0.04 25.09
N ALA A 206 17.47 -0.96 24.64
CA ALA A 206 17.05 -2.01 23.71
C ALA A 206 15.86 -2.78 24.22
N GLU A 207 15.47 -2.47 25.46
CA GLU A 207 14.33 -3.11 26.09
C GLU A 207 13.13 -2.20 26.14
N THR A 208 13.37 -0.90 26.37
CA THR A 208 12.26 0.05 26.42
C THR A 208 11.88 0.50 24.99
N ALA A 209 12.36 -0.25 23.99
CA ALA A 209 12.07 0.03 22.59
C ALA A 209 11.28 -1.16 22.08
N VAL A 210 11.56 -2.42 22.56
CA VAL A 210 10.78 -3.56 22.08
C VAL A 210 9.41 -3.42 22.77
N GLN A 211 9.39 -2.81 23.95
CA GLN A 211 8.15 -2.60 24.71
C GLN A 211 7.50 -1.32 24.19
N LEU A 212 7.88 -0.95 22.99
CA LEU A 212 7.36 0.25 22.38
C LEU A 212 7.06 -0.03 20.91
N PHE A 213 8.05 0.19 20.05
CA PHE A 213 7.90 -0.02 18.61
C PHE A 213 7.21 -1.34 18.23
N ILE A 214 7.68 -2.47 18.75
CA ILE A 214 7.00 -3.72 18.44
C ILE A 214 5.85 -3.94 19.42
N SER A 215 4.71 -3.32 19.08
CA SER A 215 3.48 -3.45 19.86
C SER A 215 2.66 -4.49 19.08
N GLY A 216 2.01 -5.41 19.81
CA GLY A 216 1.23 -6.46 19.19
C GLY A 216 2.11 -7.35 18.33
N ASP A 217 2.73 -8.36 18.94
CA ASP A 217 3.64 -9.32 18.29
C ASP A 217 4.03 -9.02 16.85
N LYS A 218 4.38 -7.75 16.63
CA LYS A 218 4.82 -7.20 15.35
C LYS A 218 5.15 -5.72 15.53
N VAL A 219 6.21 -5.29 14.84
CA VAL A 219 6.69 -3.92 14.88
C VAL A 219 5.60 -2.98 14.32
N ASN A 220 5.03 -2.11 15.17
CA ASN A 220 3.98 -1.20 14.69
C ASN A 220 4.50 -0.08 13.76
N VAL A 221 5.72 -0.27 13.24
CA VAL A 221 6.33 0.67 12.31
C VAL A 221 7.05 -0.05 11.17
N ALA A 222 7.29 0.71 10.11
CA ALA A 222 7.89 0.19 8.89
C ALA A 222 9.35 0.46 8.56
N GLY A 223 10.07 1.13 9.46
CA GLY A 223 11.47 1.45 9.19
C GLY A 223 12.51 1.36 10.30
N LEU A 224 12.34 2.12 11.37
CA LEU A 224 13.27 2.07 12.49
C LEU A 224 14.71 2.55 12.22
N VAL A 225 14.96 3.78 12.67
CA VAL A 225 16.28 4.39 12.54
C VAL A 225 16.94 4.54 13.92
N LEU A 226 18.15 4.01 14.05
CA LEU A 226 18.91 4.12 15.29
C LEU A 226 19.96 5.22 15.13
N ALA A 227 19.83 6.29 15.92
CA ALA A 227 20.80 7.37 15.81
C ALA A 227 21.49 7.71 17.13
N GLY A 228 22.78 8.06 17.05
CA GLY A 228 23.57 8.44 18.23
C GLY A 228 25.01 8.86 17.94
N SER A 229 25.97 8.11 18.48
CA SER A 229 27.42 8.36 18.30
C SER A 229 28.37 7.29 18.88
N ALA A 230 29.53 7.17 18.26
CA ALA A 230 30.57 6.23 18.67
C ALA A 230 30.16 4.78 19.04
N ASP A 231 29.43 4.12 18.14
CA ASP A 231 29.02 2.73 18.33
C ASP A 231 28.10 2.45 19.54
N PHE A 232 27.62 3.52 20.18
CA PHE A 232 26.70 3.43 21.31
C PHE A 232 25.40 2.82 20.78
N LYS A 233 25.38 2.62 19.47
CA LYS A 233 24.22 2.10 18.74
C LYS A 233 24.61 0.94 17.84
N THR A 234 25.89 0.87 17.49
CA THR A 234 26.37 -0.22 16.67
C THR A 234 26.52 -1.44 17.59
N GLU A 235 26.51 -1.17 18.89
CA GLU A 235 26.62 -2.20 19.92
C GLU A 235 25.17 -2.34 20.39
N LEU A 236 24.24 -2.15 19.46
CA LEU A 236 22.84 -2.26 19.76
C LEU A 236 22.14 -3.00 18.62
N SER A 237 22.62 -2.79 17.40
CA SER A 237 22.03 -3.49 16.27
C SER A 237 22.62 -4.89 16.35
N GLN A 238 23.86 -5.11 15.92
CA GLN A 238 24.42 -6.46 16.06
C GLN A 238 24.67 -6.71 17.56
N SER A 239 23.58 -7.05 18.24
CA SER A 239 23.56 -7.35 19.66
C SER A 239 22.70 -8.59 19.80
N ASP A 240 22.37 -8.94 21.05
CA ASP A 240 21.56 -10.11 21.37
C ASP A 240 20.38 -9.71 22.28
N MET A 241 20.59 -8.65 23.04
CA MET A 241 19.59 -8.15 23.97
C MET A 241 18.61 -7.19 23.30
N PHE A 242 18.69 -7.09 21.98
CA PHE A 242 17.84 -6.19 21.20
C PHE A 242 17.05 -6.88 20.06
N ASP A 243 17.81 -7.24 19.01
CA ASP A 243 17.32 -7.91 17.80
C ASP A 243 15.87 -8.42 17.75
N GLN A 244 15.73 -9.66 17.27
CA GLN A 244 14.44 -10.32 17.16
C GLN A 244 13.47 -9.51 16.34
N ARG A 245 13.51 -9.67 15.02
CA ARG A 245 12.60 -8.94 14.13
C ARG A 245 12.96 -7.44 14.02
N LEU A 246 13.26 -6.83 15.15
CA LEU A 246 13.60 -5.41 15.19
C LEU A 246 14.95 -5.16 14.56
N GLN A 247 15.89 -6.08 14.72
CA GLN A 247 17.19 -5.87 14.12
C GLN A 247 17.06 -6.07 12.62
N SER A 248 15.97 -6.72 12.26
CA SER A 248 15.63 -7.06 10.88
C SER A 248 15.25 -5.85 10.01
N LYS A 249 14.52 -4.90 10.60
CA LYS A 249 14.17 -3.70 9.84
C LYS A 249 14.79 -2.40 10.41
N VAL A 250 16.12 -2.37 10.54
CA VAL A 250 16.83 -1.18 11.00
C VAL A 250 17.17 -0.57 9.63
N LEU A 251 16.61 0.59 9.32
CA LEU A 251 16.88 1.14 8.02
C LEU A 251 18.19 1.93 7.93
N LYS A 252 18.36 2.95 8.77
CA LYS A 252 19.59 3.75 8.79
C LYS A 252 20.29 3.67 10.15
N LEU A 253 21.60 3.93 10.13
CA LEU A 253 22.43 4.00 11.34
C LEU A 253 23.07 5.37 11.15
N VAL A 254 22.41 6.36 11.74
CA VAL A 254 22.78 7.75 11.62
C VAL A 254 23.61 8.25 12.75
N ASP A 255 24.67 8.97 12.41
CA ASP A 255 25.59 9.55 13.37
C ASP A 255 25.23 11.01 13.55
N ILE A 256 24.87 11.38 14.77
CA ILE A 256 24.52 12.77 15.08
C ILE A 256 25.53 13.16 16.13
N SER A 257 25.56 14.47 16.38
CA SER A 257 26.43 15.08 17.40
C SER A 257 25.41 15.59 18.40
N TYR A 258 25.54 15.17 19.65
CA TYR A 258 24.62 15.58 20.70
C TYR A 258 23.25 15.04 20.41
N GLY A 259 22.84 14.07 21.21
CA GLY A 259 21.55 13.47 20.99
C GLY A 259 20.40 13.93 21.84
N GLY A 260 19.46 13.01 22.05
CA GLY A 260 18.27 13.25 22.83
C GLY A 260 17.42 14.47 22.50
N GLU A 261 16.38 14.30 21.69
CA GLU A 261 15.45 15.40 21.37
C GLU A 261 16.00 16.50 20.45
N ASN A 262 17.24 16.90 20.68
CA ASN A 262 17.85 17.90 19.85
C ASN A 262 18.42 17.15 18.66
N GLY A 263 18.96 15.96 18.94
CA GLY A 263 19.54 15.10 17.91
C GLY A 263 18.45 14.29 17.25
N PHE A 264 17.22 14.45 17.74
CA PHE A 264 16.11 13.74 17.15
C PHE A 264 15.82 14.40 15.83
N ASN A 265 15.80 15.73 15.85
CA ASN A 265 15.54 16.50 14.66
C ASN A 265 16.70 16.26 13.72
N GLN A 266 17.91 16.33 14.23
CA GLN A 266 19.05 16.07 13.39
C GLN A 266 18.89 14.65 12.76
N ALA A 267 18.44 13.66 13.54
CA ALA A 267 18.20 12.33 13.02
C ALA A 267 17.18 12.47 11.85
N ILE A 268 15.99 12.98 12.17
CA ILE A 268 14.96 13.16 11.19
C ILE A 268 15.35 13.98 9.94
N GLU A 269 16.07 15.08 10.11
CA GLU A 269 16.47 15.85 8.94
C GLU A 269 17.27 14.97 7.98
N LEU A 270 18.27 14.30 8.54
CA LEU A 270 19.19 13.42 7.83
C LEU A 270 18.51 12.17 7.20
N SER A 271 17.59 11.55 7.92
CA SER A 271 16.89 10.38 7.42
C SER A 271 15.83 10.63 6.34
N THR A 272 15.46 11.88 6.10
CA THR A 272 14.50 12.19 5.05
C THR A 272 15.19 11.76 3.74
N GLU A 273 14.44 11.29 2.75
CA GLU A 273 15.02 10.84 1.46
C GLU A 273 14.78 9.36 1.56
N VAL A 274 15.69 8.70 2.21
CA VAL A 274 15.50 7.31 2.46
C VAL A 274 14.39 7.49 3.51
N LEU A 275 13.13 7.43 3.11
CA LEU A 275 12.00 7.60 4.04
C LEU A 275 10.96 8.43 3.35
N SER A 276 11.43 9.27 2.43
CA SER A 276 10.56 10.13 1.62
C SER A 276 10.62 9.63 0.18
N ASN A 277 11.44 8.64 -0.03
CA ASN A 277 11.61 8.04 -1.32
C ASN A 277 11.54 6.49 -1.23
N VAL A 278 11.12 5.94 -0.10
CA VAL A 278 11.07 4.47 0.04
C VAL A 278 10.49 3.59 -1.10
N LYS A 279 9.41 4.05 -1.71
CA LYS A 279 8.77 3.37 -2.83
C LYS A 279 9.72 3.51 -4.01
N PHE A 280 10.06 4.73 -4.41
CA PHE A 280 11.01 4.87 -5.53
C PHE A 280 12.30 4.02 -5.33
N ILE A 281 12.66 3.78 -4.07
CA ILE A 281 13.88 3.04 -3.76
C ILE A 281 13.70 1.59 -4.12
N GLN A 282 12.66 0.98 -3.56
CA GLN A 282 12.34 -0.40 -3.81
C GLN A 282 11.95 -0.58 -5.27
N GLU A 283 11.30 0.44 -5.82
CA GLU A 283 10.94 0.41 -7.24
C GLU A 283 12.21 0.41 -8.10
N LYS A 284 13.19 1.27 -7.81
CA LYS A 284 14.43 1.28 -8.61
C LYS A 284 15.26 -0.04 -8.44
N LYS A 285 15.12 -0.63 -7.24
CA LYS A 285 15.81 -1.84 -6.87
C LYS A 285 15.19 -2.94 -7.68
N LEU A 286 13.88 -3.00 -7.63
CA LEU A 286 13.20 -4.00 -8.38
C LEU A 286 13.63 -3.96 -9.84
N ILE A 287 13.35 -2.86 -10.50
CA ILE A 287 13.69 -2.78 -11.91
C ILE A 287 15.17 -3.04 -12.17
N GLY A 288 16.02 -2.67 -11.23
CA GLY A 288 17.41 -2.91 -11.46
C GLY A 288 17.67 -4.40 -11.58
N ARG A 289 17.16 -5.14 -10.60
CA ARG A 289 17.32 -6.57 -10.55
C ARG A 289 16.85 -7.16 -11.85
N TYR A 290 15.78 -6.58 -12.37
CA TYR A 290 15.24 -7.01 -13.66
C TYR A 290 16.30 -6.76 -14.78
N PHE A 291 16.75 -5.51 -14.91
CA PHE A 291 17.76 -5.20 -15.87
C PHE A 291 18.96 -6.19 -15.73
N ASP A 292 19.23 -6.60 -14.50
CA ASP A 292 20.31 -7.52 -14.24
C ASP A 292 20.20 -8.88 -15.00
N GLU A 293 19.00 -9.46 -15.03
CA GLU A 293 18.78 -10.70 -15.77
C GLU A 293 19.22 -10.38 -17.17
N ILE A 294 18.51 -9.44 -17.80
CA ILE A 294 18.83 -9.05 -19.14
C ILE A 294 20.34 -8.91 -19.34
N SER A 295 21.05 -8.52 -18.30
CA SER A 295 22.48 -8.37 -18.49
C SER A 295 23.39 -9.62 -18.32
N GLN A 296 23.10 -10.51 -17.36
CA GLN A 296 23.90 -11.74 -17.18
C GLN A 296 23.39 -12.81 -18.15
N ASP A 297 24.10 -13.94 -18.19
CA ASP A 297 23.74 -15.07 -19.05
C ASP A 297 22.56 -15.84 -18.46
N THR A 298 22.44 -15.79 -17.13
CA THR A 298 21.34 -16.44 -16.40
C THR A 298 20.04 -16.15 -17.14
N GLY A 299 19.93 -14.90 -17.57
CA GLY A 299 18.77 -14.43 -18.32
C GLY A 299 17.36 -14.92 -18.05
N LYS A 300 16.95 -14.93 -16.76
CA LYS A 300 15.60 -15.35 -16.41
C LYS A 300 14.73 -14.09 -16.46
N TYR A 301 14.47 -13.65 -17.68
CA TYR A 301 13.70 -12.46 -17.91
C TYR A 301 12.68 -12.65 -19.03
N CYS A 302 11.86 -11.64 -19.29
CA CYS A 302 10.85 -11.70 -20.32
C CYS A 302 10.25 -10.31 -20.46
N PHE A 303 9.73 -10.00 -21.63
CA PHE A 303 9.15 -8.69 -21.80
C PHE A 303 8.34 -8.56 -23.08
N GLY A 304 7.56 -7.49 -23.21
CA GLY A 304 6.69 -7.34 -24.35
C GLY A 304 5.42 -8.04 -23.90
N VAL A 305 4.31 -7.77 -24.57
CA VAL A 305 3.01 -8.39 -24.22
C VAL A 305 3.03 -9.88 -24.44
N GLU A 306 3.09 -10.21 -25.73
CA GLU A 306 3.13 -11.55 -26.29
C GLU A 306 3.89 -12.57 -25.42
N ASP A 307 5.20 -12.41 -25.27
CA ASP A 307 5.95 -13.38 -24.50
C ASP A 307 5.69 -13.33 -23.00
N THR A 308 5.20 -12.20 -22.51
CA THR A 308 4.98 -12.12 -21.07
C THR A 308 3.74 -12.89 -20.77
N LEU A 309 2.69 -12.64 -21.56
CA LEU A 309 1.44 -13.35 -21.39
C LEU A 309 1.77 -14.82 -21.56
N LYS A 310 2.52 -15.09 -22.64
CA LYS A 310 2.95 -16.45 -22.99
C LYS A 310 3.67 -17.12 -21.82
N ALA A 311 4.65 -16.41 -21.26
CA ALA A 311 5.44 -16.90 -20.14
C ALA A 311 4.57 -16.97 -18.89
N LEU A 312 3.64 -16.02 -18.80
CA LEU A 312 2.74 -15.94 -17.67
C LEU A 312 1.81 -17.14 -17.72
N GLU A 313 1.20 -17.33 -18.89
CA GLU A 313 0.27 -18.42 -19.18
C GLU A 313 0.89 -19.78 -18.90
N MET A 314 2.14 -19.99 -19.32
CA MET A 314 2.77 -21.27 -19.04
C MET A 314 3.13 -21.34 -17.56
N GLY A 315 4.33 -21.79 -17.26
CA GLY A 315 4.72 -21.92 -15.87
C GLY A 315 4.57 -20.69 -14.98
N ALA A 316 5.42 -20.71 -13.95
CA ALA A 316 5.47 -19.68 -12.92
C ALA A 316 6.66 -18.69 -12.97
N VAL A 317 6.38 -17.49 -13.54
CA VAL A 317 7.32 -16.36 -13.62
C VAL A 317 7.15 -15.63 -12.26
N GLU A 318 8.25 -15.44 -11.52
CA GLU A 318 8.18 -14.85 -10.19
C GLU A 318 7.45 -13.52 -10.02
N ILE A 319 7.93 -12.47 -10.66
CA ILE A 319 7.26 -11.19 -10.52
C ILE A 319 6.90 -10.56 -11.86
N LEU A 320 5.66 -10.13 -11.96
CA LEU A 320 5.17 -9.51 -13.16
C LEU A 320 5.41 -8.05 -12.94
N ILE A 321 6.03 -7.42 -13.92
CA ILE A 321 6.28 -6.00 -13.80
C ILE A 321 5.57 -5.23 -14.87
N VAL A 322 4.71 -4.31 -14.41
CA VAL A 322 3.93 -3.51 -15.33
C VAL A 322 3.89 -2.03 -14.98
N TYR A 323 3.98 -1.20 -16.01
CA TYR A 323 3.92 0.27 -15.89
C TYR A 323 2.50 0.72 -15.48
N GLU A 324 2.38 1.73 -14.62
CA GLU A 324 1.04 2.18 -14.15
C GLU A 324 0.09 2.70 -15.24
N ASN A 325 0.65 3.08 -16.38
CA ASN A 325 -0.15 3.50 -17.52
C ASN A 325 0.17 2.33 -18.40
N LEU A 326 -0.32 2.29 -19.60
CA LEU A 326 -0.01 1.15 -20.45
C LEU A 326 -1.05 1.17 -21.49
N ASP A 327 -0.86 2.05 -22.47
CA ASP A 327 -1.80 2.18 -23.55
C ASP A 327 -2.16 0.85 -24.24
N ILE A 328 -2.65 -0.14 -23.48
CA ILE A 328 -3.01 -1.42 -24.05
C ILE A 328 -4.31 -2.02 -23.51
N MET A 329 -5.25 -2.18 -24.44
CA MET A 329 -6.59 -2.67 -24.20
C MET A 329 -6.79 -4.15 -24.53
N ARG A 330 -7.54 -4.85 -23.67
CA ARG A 330 -7.80 -6.26 -23.88
C ARG A 330 -9.28 -6.58 -24.06
N TYR A 331 -9.67 -6.93 -25.28
CA TYR A 331 -11.08 -7.28 -25.52
C TYR A 331 -11.25 -8.81 -25.70
N VAL A 332 -12.51 -9.21 -25.87
CA VAL A 332 -12.94 -10.58 -26.11
C VAL A 332 -14.41 -10.74 -25.71
N LEU A 333 -15.22 -9.79 -26.21
CA LEU A 333 -16.66 -9.76 -25.98
C LEU A 333 -17.24 -11.15 -26.27
N ILE A 343 -9.39 -13.48 -27.69
CA ILE A 343 -8.84 -12.40 -26.81
C ILE A 343 -7.69 -11.67 -27.48
N LEU A 344 -7.87 -10.37 -27.73
CA LEU A 344 -6.82 -9.57 -28.36
C LEU A 344 -6.15 -8.65 -27.32
N TYR A 345 -5.02 -8.07 -27.71
CA TYR A 345 -4.28 -7.18 -26.83
C TYR A 345 -3.75 -6.10 -27.72
N LEU A 346 -4.54 -5.05 -27.95
CA LEU A 346 -4.03 -4.00 -28.82
C LEU A 346 -3.96 -2.59 -28.25
N THR A 347 -2.92 -1.87 -28.67
CA THR A 347 -2.69 -0.50 -28.23
C THR A 347 -3.77 0.32 -28.89
N PRO A 348 -3.71 1.65 -28.70
CA PRO A 348 -4.76 2.43 -29.35
C PRO A 348 -4.54 2.44 -30.88
N GLU A 349 -4.02 1.32 -31.39
CA GLU A 349 -3.83 1.09 -32.81
C GLU A 349 -5.21 0.56 -33.20
N GLN A 350 -5.95 0.20 -32.14
CA GLN A 350 -7.32 -0.32 -32.14
C GLN A 350 -8.32 0.35 -33.10
N GLU A 351 -7.85 1.31 -33.91
CA GLU A 351 -8.71 2.02 -34.84
C GLU A 351 -8.59 1.43 -36.25
N LYS A 352 -8.55 0.10 -36.32
CA LYS A 352 -8.40 -0.60 -37.60
C LYS A 352 -9.45 -1.67 -37.91
N ASP A 353 -9.07 -2.59 -38.81
CA ASP A 353 -9.94 -3.67 -39.28
C ASP A 353 -10.37 -4.76 -38.28
N LYS A 354 -10.86 -4.33 -37.12
CA LYS A 354 -11.34 -5.27 -36.12
C LYS A 354 -12.60 -5.89 -36.72
N SER A 355 -12.44 -6.92 -37.54
CA SER A 355 -13.55 -7.63 -38.21
C SER A 355 -14.69 -8.15 -37.30
N HIS A 356 -15.40 -7.22 -36.65
CA HIS A 356 -16.54 -7.48 -35.76
C HIS A 356 -16.55 -8.64 -34.76
N PHE A 357 -17.46 -8.51 -33.79
CA PHE A 357 -17.65 -9.45 -32.68
C PHE A 357 -17.75 -10.96 -32.96
N THR A 358 -17.28 -11.75 -31.99
CA THR A 358 -17.27 -13.23 -32.04
C THR A 358 -17.46 -13.82 -30.62
N GLU A 370 -15.97 -6.07 -20.92
CA GLU A 370 -15.04 -7.07 -21.56
C GLU A 370 -14.20 -6.41 -22.66
N SER A 371 -13.80 -5.15 -22.41
CA SER A 371 -12.97 -4.37 -23.31
C SER A 371 -11.82 -3.86 -22.41
N MET A 372 -11.88 -4.34 -21.17
CA MET A 372 -10.93 -4.07 -20.09
C MET A 372 -9.51 -3.62 -20.45
N PRO A 373 -8.94 -2.64 -19.71
CA PRO A 373 -7.57 -2.23 -20.03
C PRO A 373 -6.71 -3.40 -19.50
N LEU A 374 -5.58 -3.65 -20.15
CA LEU A 374 -4.79 -4.81 -19.76
C LEU A 374 -4.34 -4.89 -18.31
N LEU A 375 -3.87 -3.77 -17.76
CA LEU A 375 -3.40 -3.77 -16.39
C LEU A 375 -4.59 -3.99 -15.48
N GLU A 376 -5.74 -3.49 -15.89
CA GLU A 376 -6.92 -3.64 -15.09
C GLU A 376 -7.23 -5.12 -14.96
N TRP A 377 -6.87 -5.90 -16.00
CA TRP A 377 -7.11 -7.33 -16.03
C TRP A 377 -6.11 -8.02 -15.13
N PHE A 378 -4.83 -7.73 -15.35
CA PHE A 378 -3.74 -8.30 -14.57
C PHE A 378 -3.96 -8.27 -13.06
N ALA A 379 -4.53 -7.17 -12.56
CA ALA A 379 -4.78 -6.99 -11.13
C ALA A 379 -5.82 -7.94 -10.50
N ASN A 380 -6.98 -8.02 -11.16
CA ASN A 380 -8.09 -8.84 -10.68
C ASN A 380 -7.79 -10.32 -10.66
N ASN A 381 -6.82 -10.78 -11.44
CA ASN A 381 -6.57 -12.21 -11.50
C ASN A 381 -5.12 -12.70 -11.61
N TYR A 382 -4.20 -12.01 -10.96
CA TYR A 382 -2.78 -12.42 -11.04
C TYR A 382 -2.47 -13.32 -9.84
N LYS A 383 -3.30 -13.23 -8.81
CA LYS A 383 -3.12 -14.01 -7.60
C LYS A 383 -3.04 -15.49 -7.98
N LYS A 384 -3.53 -15.81 -9.18
CA LYS A 384 -3.56 -17.18 -9.71
C LYS A 384 -2.70 -17.39 -10.96
N PHE A 385 -1.38 -17.26 -10.77
CA PHE A 385 -0.41 -17.43 -11.86
C PHE A 385 0.93 -17.80 -11.28
N GLY A 386 1.18 -17.31 -10.06
CA GLY A 386 2.43 -17.56 -9.36
C GLY A 386 2.74 -16.44 -8.38
N ALA A 387 1.79 -15.49 -8.31
CA ALA A 387 1.77 -14.27 -7.46
C ALA A 387 2.63 -13.08 -7.91
N THR A 388 2.70 -12.10 -7.00
CA THR A 388 3.43 -10.82 -7.11
C THR A 388 3.30 -9.95 -8.37
N LEU A 389 2.52 -8.89 -8.23
CA LEU A 389 2.34 -7.93 -9.32
C LEU A 389 3.03 -6.66 -8.81
N GLU A 390 3.78 -6.02 -9.69
CA GLU A 390 4.48 -4.80 -9.34
C GLU A 390 4.20 -3.71 -10.37
N ILE A 391 3.33 -2.77 -10.03
CA ILE A 391 3.01 -1.66 -10.91
C ILE A 391 4.12 -0.71 -10.61
N VAL A 392 4.75 -0.17 -11.64
CA VAL A 392 5.88 0.77 -11.43
C VAL A 392 5.63 2.05 -12.18
N THR A 393 6.50 3.03 -12.00
CA THR A 393 6.23 4.28 -12.74
C THR A 393 7.42 4.62 -13.60
N ASP A 394 7.35 5.72 -14.29
CA ASP A 394 8.50 6.12 -15.06
C ASP A 394 9.18 7.29 -14.34
N LYS A 395 8.96 7.38 -13.03
CA LYS A 395 9.57 8.47 -12.29
C LYS A 395 11.00 8.18 -11.91
N SER A 396 11.67 7.41 -12.75
CA SER A 396 13.09 7.07 -12.56
C SER A 396 13.71 6.70 -13.90
N GLN A 397 15.03 6.55 -13.90
CA GLN A 397 15.71 6.17 -15.12
C GLN A 397 15.24 4.71 -15.38
N GLU A 398 15.28 3.93 -14.30
CA GLU A 398 14.88 2.56 -14.35
C GLU A 398 13.48 2.30 -14.92
N GLY A 399 12.47 3.03 -14.41
CA GLY A 399 11.10 2.89 -14.92
C GLY A 399 10.91 3.61 -16.27
N SER A 400 11.64 4.68 -16.48
CA SER A 400 11.49 5.31 -17.77
C SER A 400 12.08 4.36 -18.85
N GLN A 401 13.19 3.71 -18.56
CA GLN A 401 13.79 2.83 -19.55
C GLN A 401 12.97 1.53 -19.65
N PHE A 402 12.39 1.12 -18.55
CA PHE A 402 11.56 -0.08 -18.59
C PHE A 402 10.39 0.14 -19.50
N VAL A 403 10.01 1.40 -19.67
CA VAL A 403 8.86 1.74 -20.51
C VAL A 403 9.29 2.13 -21.88
N LYS A 404 10.09 3.17 -21.98
CA LYS A 404 10.55 3.64 -23.27
C LYS A 404 11.28 2.48 -23.96
N GLY A 405 12.01 1.67 -23.20
CA GLY A 405 12.74 0.62 -23.85
C GLY A 405 12.26 -0.81 -23.97
N PHE A 406 11.25 -1.19 -23.22
CA PHE A 406 10.78 -2.56 -23.30
C PHE A 406 9.27 -2.63 -23.17
N GLY A 407 8.60 -1.55 -23.59
CA GLY A 407 7.15 -1.49 -23.51
C GLY A 407 6.53 -1.62 -22.11
N GLY A 408 7.26 -1.30 -21.06
CA GLY A 408 6.70 -1.36 -19.73
C GLY A 408 5.91 -2.56 -19.29
N ILE A 409 6.25 -3.73 -19.77
CA ILE A 409 5.55 -4.95 -19.34
C ILE A 409 6.55 -6.09 -19.54
N GLY A 410 6.97 -6.73 -18.47
CA GLY A 410 7.94 -7.78 -18.62
C GLY A 410 7.83 -8.61 -17.38
N GLY A 411 8.81 -9.46 -17.12
CA GLY A 411 8.73 -10.26 -15.92
C GLY A 411 10.05 -10.90 -15.55
N ILE A 412 10.21 -11.21 -14.27
CA ILE A 412 11.39 -11.89 -13.77
C ILE A 412 10.95 -13.34 -13.66
N LEU A 413 11.43 -14.15 -14.60
CA LEU A 413 11.09 -15.56 -14.66
C LEU A 413 11.85 -16.40 -13.61
N ARG A 414 11.45 -17.65 -13.44
CA ARG A 414 12.13 -18.53 -12.47
C ARG A 414 12.98 -19.64 -13.10
N TYR A 415 13.09 -19.62 -14.42
CA TYR A 415 13.89 -20.59 -15.16
C TYR A 415 13.84 -20.07 -16.57
N ARG A 416 14.95 -20.20 -17.30
CA ARG A 416 14.98 -19.71 -18.68
C ARG A 416 13.85 -20.27 -19.53
N VAL A 417 13.46 -19.50 -20.51
CA VAL A 417 12.39 -19.91 -21.39
C VAL A 417 12.85 -19.48 -22.76
N ASP A 418 12.49 -20.21 -23.79
CA ASP A 418 12.92 -19.81 -25.11
C ASP A 418 11.76 -19.23 -25.90
N PHE A 419 11.97 -18.01 -26.39
CA PHE A 419 11.00 -17.29 -27.18
C PHE A 419 11.63 -17.31 -28.58
N GLN A 420 10.81 -17.52 -29.59
CA GLN A 420 11.33 -17.64 -30.94
C GLN A 420 10.49 -16.94 -32.01
N GLY A 421 11.11 -15.99 -32.72
CA GLY A 421 10.40 -15.27 -33.76
C GLY A 421 9.08 -14.62 -33.40
N MET A 422 8.93 -13.35 -33.77
CA MET A 422 7.73 -12.56 -33.52
C MET A 422 7.41 -12.33 -32.03
#